data_2E39
#
_entry.id   2E39
#
_cell.length_a   73.840
_cell.length_b   73.840
_cell.length_c   115.680
_cell.angle_alpha   90.00
_cell.angle_beta   90.00
_cell.angle_gamma   90.00
#
_symmetry.space_group_name_H-M   'P 42 21 2'
#
loop_
_entity.id
_entity.type
_entity.pdbx_description
1 polymer Peroxidase
2 branched 2-acetamido-2-deoxy-beta-D-glucopyranose-(1-4)-2-acetamido-2-deoxy-beta-D-glucopyranose
3 non-polymer alpha-D-mannopyranose
4 non-polymer 'CALCIUM ION'
5 non-polymer 'CYANIDE ION'
6 non-polymer 'PROTOPORPHYRIN IX CONTAINING FE'
7 water water
#
_entity_poly.entity_id   1
_entity_poly.type   'polypeptide(L)'
_entity_poly.pdbx_seq_one_letter_code
;QGPGGGGGSVTCPGGQSTSNSQCCVWFDVLDDLQTNFYQGSKCESPVRKILRIVFHDAIGFSPALTAAGQFGGGGADGSI
IAHSNIELAFPANGGLTDTIEALRAVGINHGVSFGDLIQFATAVGMSNCPGSPRLEFLTGRSNSSQPSPPSLIPGPGNTV
TAILDRMGDAGFSPDEVVDLLAAHSLASQEGLNSAIFRSPLDSTPQVFDTQFYIETLLKGTTQPGPSLGFAEELSPFPGE
FRMRSDALLARDSRTACRWQSMTSSNEVMGQRYRAAMAKMSVLGFDRNALTDCSDVIPSAVSNNAAPVIPGGLTVDDIEV
SCPSEPFPEIATASGPLPSLAPAP
;
_entity_poly.pdbx_strand_id   A
#
loop_
_chem_comp.id
_chem_comp.type
_chem_comp.name
_chem_comp.formula
CA non-polymer 'CALCIUM ION' 'Ca 2'
CYN non-polymer 'CYANIDE ION' 'C N -1'
HEM non-polymer 'PROTOPORPHYRIN IX CONTAINING FE' 'C34 H32 Fe N4 O4'
MAN D-saccharide, alpha linking alpha-D-mannopyranose 'C6 H12 O6'
NAG D-saccharide, beta linking 2-acetamido-2-deoxy-beta-D-glucopyranose 'C8 H15 N O6'
#
# COMPACT_ATOMS: atom_id res chain seq x y z
N SER A 9 -1.17 -7.54 -30.72
CA SER A 9 -0.85 -7.56 -32.15
C SER A 9 -0.38 -6.17 -32.59
N VAL A 10 -0.52 -5.27 -31.61
CA VAL A 10 -0.04 -3.92 -31.84
C VAL A 10 1.46 -3.93 -31.55
N THR A 11 2.15 -3.24 -32.44
CA THR A 11 3.58 -3.07 -32.27
C THR A 11 3.87 -1.59 -32.10
N CYS A 12 4.32 -1.26 -30.88
CA CYS A 12 4.48 0.18 -30.68
C CYS A 12 5.77 0.58 -31.40
N PRO A 13 5.88 1.87 -31.70
CA PRO A 13 7.15 2.38 -32.24
C PRO A 13 8.38 1.79 -31.57
N GLY A 14 8.35 1.58 -30.26
CA GLY A 14 9.42 0.99 -29.49
C GLY A 14 9.70 -0.48 -29.75
N GLY A 15 8.78 -1.16 -30.43
CA GLY A 15 9.09 -2.54 -30.85
C GLY A 15 8.56 -3.51 -29.82
N GLN A 16 8.02 -2.91 -28.75
CA GLN A 16 7.21 -3.67 -27.82
C GLN A 16 5.92 -4.11 -28.54
N SER A 17 5.53 -5.35 -28.19
CA SER A 17 4.25 -5.89 -28.66
C SER A 17 3.28 -5.71 -27.49
N THR A 18 2.13 -5.14 -27.82
CA THR A 18 1.12 -4.84 -26.81
C THR A 18 -0.23 -5.13 -27.45
N SER A 19 -1.24 -5.19 -26.61
CA SER A 19 -2.61 -5.56 -26.87
C SER A 19 -3.40 -4.44 -27.53
N ASN A 20 -3.00 -3.22 -27.30
CA ASN A 20 -3.79 -2.05 -27.75
C ASN A 20 -2.92 -0.83 -27.92
N SER A 21 -3.21 -0.02 -28.93
CA SER A 21 -2.37 1.14 -29.17
C SER A 21 -2.41 2.11 -28.01
N GLN A 22 -3.47 2.07 -27.20
CA GLN A 22 -3.54 2.97 -26.07
C GLN A 22 -2.51 2.62 -25.01
N CYS A 23 -1.93 1.42 -25.09
CA CYS A 23 -0.80 1.13 -24.18
C CYS A 23 0.52 1.77 -24.55
N CYS A 24 0.77 2.18 -25.77
CA CYS A 24 2.12 2.52 -26.24
C CYS A 24 2.70 3.72 -25.50
N VAL A 25 1.88 4.70 -25.15
CA VAL A 25 2.44 5.83 -24.41
C VAL A 25 3.01 5.40 -23.07
N TRP A 26 2.48 4.32 -22.49
CA TRP A 26 2.90 3.89 -21.15
C TRP A 26 4.29 3.29 -21.18
N PHE A 27 4.76 2.87 -22.36
CA PHE A 27 6.16 2.38 -22.36
C PHE A 27 7.12 3.54 -22.12
N ASP A 28 6.78 4.73 -22.59
CA ASP A 28 7.65 5.87 -22.32
C ASP A 28 7.59 6.30 -20.87
N VAL A 29 6.36 6.25 -20.33
CA VAL A 29 6.20 6.55 -18.92
C VAL A 29 6.98 5.54 -18.07
N LEU A 30 6.95 4.25 -18.42
CA LEU A 30 7.72 3.21 -17.72
C LEU A 30 9.20 3.54 -17.63
N ASP A 31 9.76 3.89 -18.79
CA ASP A 31 11.18 4.19 -18.87
C ASP A 31 11.58 5.38 -18.02
N ASP A 32 10.76 6.41 -18.06
CA ASP A 32 10.97 7.62 -17.26
C ASP A 32 10.91 7.29 -15.78
N LEU A 33 9.83 6.66 -15.34
CA LEU A 33 9.68 6.33 -13.94
C LEU A 33 10.81 5.42 -13.45
N GLN A 34 11.20 4.45 -14.26
CA GLN A 34 12.22 3.55 -13.76
C GLN A 34 13.58 4.21 -13.69
N THR A 35 13.95 5.04 -14.65
CA THR A 35 15.19 5.78 -14.58
C THR A 35 15.28 6.80 -13.46
N ASN A 36 14.19 7.58 -13.35
CA ASN A 36 14.17 8.80 -12.59
C ASN A 36 13.42 8.61 -11.28
N PHE A 37 12.08 8.58 -11.31
CA PHE A 37 11.32 8.44 -10.06
C PHE A 37 11.81 7.31 -9.17
N TYR A 38 12.13 6.16 -9.80
CA TYR A 38 12.54 4.96 -9.04
C TYR A 38 14.05 4.82 -9.03
N GLN A 39 14.81 5.73 -9.56
CA GLN A 39 16.26 5.82 -9.38
C GLN A 39 16.95 4.53 -9.80
N GLY A 40 16.56 3.95 -10.90
CA GLY A 40 17.07 2.73 -11.46
C GLY A 40 16.32 1.50 -11.01
N SER A 41 14.97 1.55 -11.10
CA SER A 41 14.10 0.42 -10.81
C SER A 41 14.20 -0.09 -9.38
N LYS A 42 14.41 0.73 -8.37
CA LYS A 42 14.62 0.35 -6.99
C LYS A 42 13.29 0.29 -6.23
N CYS A 43 13.31 -0.41 -5.12
CA CYS A 43 12.20 -0.55 -4.18
C CYS A 43 12.55 0.17 -2.87
N GLU A 44 12.43 1.49 -2.89
CA GLU A 44 12.82 2.33 -1.75
C GLU A 44 11.71 3.31 -1.44
N SER A 45 12.01 4.45 -0.84
CA SER A 45 11.01 5.41 -0.41
C SER A 45 10.06 5.81 -1.53
N PRO A 46 10.45 6.08 -2.77
CA PRO A 46 9.41 6.43 -3.78
C PRO A 46 8.28 5.45 -3.91
N VAL A 47 8.54 4.13 -3.94
CA VAL A 47 7.40 3.19 -4.09
C VAL A 47 6.52 3.32 -2.86
N ARG A 48 7.13 3.47 -1.68
CA ARG A 48 6.32 3.50 -0.46
C ARG A 48 5.43 4.72 -0.42
N LYS A 49 5.97 5.86 -0.81
CA LYS A 49 5.17 7.08 -0.90
C LYS A 49 4.04 6.92 -1.94
N ILE A 50 4.37 6.31 -3.10
CA ILE A 50 3.35 6.08 -4.12
C ILE A 50 2.23 5.20 -3.61
N LEU A 51 2.53 4.22 -2.77
CA LEU A 51 1.44 3.38 -2.28
C LEU A 51 0.57 4.19 -1.32
N ARG A 52 1.11 5.05 -0.48
CA ARG A 52 0.25 5.94 0.29
C ARG A 52 -0.63 6.80 -0.60
N ILE A 53 -0.02 7.32 -1.68
CA ILE A 53 -0.75 8.14 -2.61
C ILE A 53 -1.86 7.42 -3.36
N VAL A 54 -1.66 6.18 -3.76
CA VAL A 54 -2.69 5.48 -4.52
C VAL A 54 -3.91 5.23 -3.64
N PHE A 55 -3.66 4.88 -2.40
CA PHE A 55 -4.68 4.69 -1.40
C PHE A 55 -5.40 5.99 -1.12
N HIS A 56 -4.64 7.08 -0.88
CA HIS A 56 -5.29 8.31 -0.52
C HIS A 56 -5.96 8.99 -1.70
N ASP A 57 -5.55 8.68 -2.93
CA ASP A 57 -6.30 9.14 -4.09
C ASP A 57 -7.63 8.38 -4.17
N ALA A 58 -7.60 7.06 -4.13
CA ALA A 58 -8.77 6.26 -4.40
C ALA A 58 -9.81 6.32 -3.30
N ILE A 59 -9.35 6.41 -2.07
CA ILE A 59 -10.27 6.29 -0.95
C ILE A 59 -11.09 7.55 -0.78
N GLY A 60 -10.80 8.63 -1.52
CA GLY A 60 -11.67 9.81 -1.51
C GLY A 60 -12.90 9.56 -2.41
N PHE A 61 -13.77 8.70 -1.86
CA PHE A 61 -14.93 8.12 -2.54
C PHE A 61 -15.87 7.70 -1.41
N SER A 62 -17.07 8.26 -1.43
CA SER A 62 -18.01 8.05 -0.34
C SER A 62 -19.45 7.98 -0.84
N PRO A 63 -19.94 6.80 -1.14
CA PRO A 63 -21.39 6.62 -1.44
C PRO A 63 -22.27 7.19 -0.32
N ALA A 64 -21.86 7.15 0.95
CA ALA A 64 -22.69 7.74 1.98
C ALA A 64 -22.87 9.24 1.80
N LEU A 65 -21.82 9.95 1.40
CA LEU A 65 -21.98 11.38 1.16
C LEU A 65 -22.91 11.56 -0.04
N THR A 66 -22.68 10.81 -1.12
CA THR A 66 -23.58 10.92 -2.29
C THR A 66 -25.03 10.74 -1.87
N ALA A 67 -25.32 9.77 -1.02
CA ALA A 67 -26.65 9.41 -0.56
C ALA A 67 -27.25 10.52 0.29
N ALA A 68 -26.40 11.35 0.86
CA ALA A 68 -26.81 12.47 1.70
C ALA A 68 -26.72 13.77 0.93
N GLY A 69 -26.87 13.75 -0.38
CA GLY A 69 -26.98 14.90 -1.26
C GLY A 69 -25.73 15.70 -1.48
N GLN A 70 -24.56 15.13 -1.28
CA GLN A 70 -23.29 15.84 -1.29
C GLN A 70 -22.33 15.17 -2.26
N PHE A 71 -21.36 15.87 -2.79
CA PHE A 71 -20.30 15.24 -3.55
C PHE A 71 -19.49 14.34 -2.64
N GLY A 72 -19.31 13.09 -3.03
CA GLY A 72 -18.59 12.14 -2.23
C GLY A 72 -17.16 11.89 -2.61
N GLY A 73 -16.69 12.52 -3.66
CA GLY A 73 -15.38 12.25 -4.22
C GLY A 73 -15.39 11.38 -5.45
N GLY A 74 -14.39 11.54 -6.32
CA GLY A 74 -14.35 10.79 -7.56
C GLY A 74 -13.41 9.60 -7.55
N GLY A 75 -12.92 9.18 -6.38
CA GLY A 75 -12.13 7.94 -6.34
C GLY A 75 -10.75 8.14 -6.95
N ALA A 76 -10.35 7.21 -7.80
CA ALA A 76 -9.02 7.09 -8.38
C ALA A 76 -8.85 8.09 -9.53
N ASP A 77 -9.14 9.34 -9.27
CA ASP A 77 -9.31 10.41 -10.25
C ASP A 77 -8.11 11.35 -10.33
N GLY A 78 -7.05 11.07 -9.58
CA GLY A 78 -5.88 11.94 -9.60
C GLY A 78 -6.11 13.24 -8.85
N SER A 79 -7.21 13.39 -8.14
CA SER A 79 -7.49 14.60 -7.39
C SER A 79 -6.42 14.99 -6.37
N ILE A 80 -5.72 14.01 -5.80
CA ILE A 80 -4.66 14.27 -4.85
C ILE A 80 -3.53 15.04 -5.52
N ILE A 81 -3.36 14.91 -6.85
CA ILE A 81 -2.39 15.72 -7.59
C ILE A 81 -3.04 17.00 -8.10
N ALA A 82 -4.16 16.87 -8.82
CA ALA A 82 -4.75 18.06 -9.43
C ALA A 82 -5.21 19.11 -8.43
N HIS A 83 -5.63 18.65 -7.28
CA HIS A 83 -6.08 19.46 -6.17
C HIS A 83 -5.25 19.25 -4.91
N SER A 84 -3.96 19.11 -5.15
CA SER A 84 -3.02 18.91 -4.07
C SER A 84 -3.05 20.06 -3.07
N ASN A 85 -3.32 21.28 -3.51
CA ASN A 85 -3.34 22.43 -2.60
C ASN A 85 -4.33 22.17 -1.47
N ILE A 86 -5.46 21.56 -1.82
CA ILE A 86 -6.49 21.20 -0.84
C ILE A 86 -6.20 19.90 -0.14
N GLU A 87 -5.88 18.84 -0.87
CA GLU A 87 -5.82 17.52 -0.26
C GLU A 87 -4.57 17.36 0.57
N LEU A 88 -3.46 18.04 0.24
CA LEU A 88 -2.28 17.81 1.06
C LEU A 88 -2.35 18.56 2.38
N ALA A 89 -3.43 19.24 2.68
CA ALA A 89 -3.70 19.81 3.99
C ALA A 89 -4.43 18.78 4.85
N PHE A 90 -4.87 17.64 4.36
CA PHE A 90 -5.54 16.64 5.20
C PHE A 90 -4.52 15.99 6.14
N PRO A 91 -4.95 15.63 7.36
CA PRO A 91 -4.07 14.98 8.32
C PRO A 91 -3.24 13.83 7.78
N ALA A 92 -3.78 12.97 6.91
CA ALA A 92 -3.14 11.77 6.44
C ALA A 92 -2.23 12.01 5.24
N ASN A 93 -2.18 13.24 4.76
CA ASN A 93 -1.47 13.48 3.52
C ASN A 93 -0.14 14.22 3.73
N GLY A 94 0.41 14.16 4.93
CA GLY A 94 1.71 14.79 5.18
C GLY A 94 2.82 13.95 4.54
N GLY A 95 3.92 14.59 4.21
CA GLY A 95 5.07 13.87 3.70
C GLY A 95 4.94 13.31 2.32
N LEU A 96 3.97 13.85 1.58
CA LEU A 96 3.70 13.43 0.23
C LEU A 96 3.96 14.48 -0.86
N THR A 97 3.91 15.76 -0.56
CA THR A 97 4.08 16.79 -1.59
C THR A 97 5.29 16.59 -2.47
N ASP A 98 6.47 16.23 -1.97
CA ASP A 98 7.62 16.10 -2.89
C ASP A 98 7.39 15.01 -3.92
N THR A 99 6.74 13.94 -3.51
CA THR A 99 6.40 12.84 -4.41
C THR A 99 5.31 13.27 -5.38
N ILE A 100 4.28 13.93 -4.85
CA ILE A 100 3.20 14.47 -5.69
C ILE A 100 3.72 15.37 -6.80
N GLU A 101 4.68 16.24 -6.52
CA GLU A 101 5.24 17.13 -7.51
C GLU A 101 6.01 16.38 -8.58
N ALA A 102 6.70 15.31 -8.14
CA ALA A 102 7.41 14.48 -9.10
C ALA A 102 6.44 13.85 -10.08
N LEU A 103 5.35 13.30 -9.55
CA LEU A 103 4.32 12.70 -10.38
C LEU A 103 3.65 13.72 -11.29
N ARG A 104 3.42 14.94 -10.81
CA ARG A 104 2.76 15.99 -11.57
C ARG A 104 3.53 16.20 -12.86
N ALA A 105 4.86 16.35 -12.70
CA ALA A 105 5.73 16.67 -13.82
C ALA A 105 5.69 15.52 -14.84
N VAL A 106 5.72 14.26 -14.38
CA VAL A 106 5.69 13.11 -15.29
C VAL A 106 4.38 13.09 -16.05
N GLY A 107 3.25 13.33 -15.40
CA GLY A 107 1.92 13.29 -16.04
C GLY A 107 1.83 14.34 -17.12
N ILE A 108 2.31 15.55 -16.84
CA ILE A 108 2.26 16.62 -17.83
C ILE A 108 3.18 16.36 -18.99
N ASN A 109 4.39 15.85 -18.71
CA ASN A 109 5.37 15.64 -19.77
C ASN A 109 4.90 14.56 -20.74
N HIS A 110 4.27 13.50 -20.25
CA HIS A 110 3.82 12.43 -21.15
C HIS A 110 2.38 12.55 -21.57
N GLY A 111 1.66 13.48 -20.99
CA GLY A 111 0.28 13.68 -21.39
C GLY A 111 -0.62 12.54 -21.06
N VAL A 112 -0.52 12.04 -19.83
CA VAL A 112 -1.38 11.00 -19.32
C VAL A 112 -2.19 11.56 -18.15
N SER A 113 -3.33 10.94 -17.87
CA SER A 113 -4.15 11.48 -16.78
C SER A 113 -3.47 11.20 -15.44
N PHE A 114 -3.73 12.10 -14.48
CA PHE A 114 -3.13 11.93 -13.16
C PHE A 114 -3.63 10.67 -12.50
N GLY A 115 -4.92 10.35 -12.68
CA GLY A 115 -5.47 9.13 -12.02
C GLY A 115 -4.83 7.90 -12.63
N ASP A 116 -4.69 7.86 -13.95
CA ASP A 116 -4.03 6.72 -14.54
C ASP A 116 -2.57 6.66 -14.08
N LEU A 117 -1.90 7.81 -14.02
CA LEU A 117 -0.46 7.77 -13.68
C LEU A 117 -0.21 7.19 -12.29
N ILE A 118 -1.08 7.58 -11.34
CA ILE A 118 -0.89 7.07 -9.97
C ILE A 118 -1.01 5.55 -9.97
N GLN A 119 -2.01 5.04 -10.67
CA GLN A 119 -2.19 3.58 -10.75
C GLN A 119 -1.03 2.92 -11.48
N PHE A 120 -0.55 3.53 -12.54
CA PHE A 120 0.59 2.97 -13.25
C PHE A 120 1.83 2.93 -12.41
N ALA A 121 2.11 4.09 -11.77
CA ALA A 121 3.33 4.15 -10.94
C ALA A 121 3.24 3.13 -9.81
N THR A 122 2.05 2.84 -9.34
CA THR A 122 1.86 1.82 -8.29
C THR A 122 2.25 0.45 -8.81
N ALA A 123 1.73 0.09 -9.99
CA ALA A 123 2.03 -1.20 -10.56
C ALA A 123 3.53 -1.28 -10.89
N VAL A 124 4.12 -0.22 -11.43
CA VAL A 124 5.55 -0.24 -11.76
C VAL A 124 6.38 -0.34 -10.50
N GLY A 125 6.02 0.43 -9.49
CA GLY A 125 6.79 0.40 -8.25
C GLY A 125 6.72 -0.96 -7.57
N MET A 126 5.52 -1.51 -7.49
CA MET A 126 5.41 -2.86 -6.95
C MET A 126 6.33 -3.82 -7.72
N SER A 127 6.44 -3.66 -9.01
CA SER A 127 7.24 -4.58 -9.83
C SER A 127 8.70 -4.53 -9.50
N ASN A 128 9.13 -3.49 -8.76
CA ASN A 128 10.52 -3.38 -8.38
C ASN A 128 10.80 -4.06 -7.04
N CYS A 129 9.79 -4.55 -6.35
CA CYS A 129 9.89 -5.04 -4.97
C CYS A 129 9.78 -6.57 -5.01
N PRO A 130 10.85 -7.25 -4.65
CA PRO A 130 10.82 -8.71 -4.66
C PRO A 130 9.61 -9.31 -3.99
N GLY A 131 9.05 -10.33 -4.66
CA GLY A 131 7.91 -11.01 -4.13
C GLY A 131 6.58 -10.45 -4.55
N SER A 132 6.54 -9.28 -5.17
CA SER A 132 5.26 -8.69 -5.53
C SER A 132 4.52 -9.49 -6.57
N PRO A 133 3.19 -9.52 -6.51
CA PRO A 133 2.40 -10.01 -7.64
C PRO A 133 2.46 -8.98 -8.76
N ARG A 134 1.91 -9.29 -9.92
CA ARG A 134 1.84 -8.38 -11.04
C ARG A 134 0.52 -7.65 -10.98
N LEU A 135 0.50 -6.41 -10.59
CA LEU A 135 -0.74 -5.68 -10.51
C LEU A 135 -1.30 -5.38 -11.91
N GLU A 136 -2.63 -5.45 -11.98
CA GLU A 136 -3.35 -5.00 -13.16
C GLU A 136 -3.08 -3.52 -13.41
N PHE A 137 -3.05 -3.15 -14.67
CA PHE A 137 -2.99 -1.73 -15.05
C PHE A 137 -3.99 -1.48 -16.18
N LEU A 138 -4.94 -0.59 -15.90
CA LEU A 138 -5.93 -0.13 -16.84
C LEU A 138 -5.71 1.35 -17.16
N THR A 139 -5.95 1.74 -18.39
CA THR A 139 -5.81 3.14 -18.78
C THR A 139 -7.13 3.70 -19.33
N GLY A 140 -7.29 5.02 -19.19
CA GLY A 140 -8.47 5.67 -19.72
C GLY A 140 -9.23 6.53 -18.73
N ARG A 141 -8.81 6.65 -17.48
CA ARG A 141 -9.51 7.43 -16.49
C ARG A 141 -9.36 8.91 -16.88
N SER A 142 -10.49 9.63 -16.86
CA SER A 142 -10.48 11.02 -17.22
C SER A 142 -9.50 11.78 -16.32
N ASN A 143 -8.82 12.80 -16.85
CA ASN A 143 -7.95 13.66 -16.10
C ASN A 143 -8.72 14.70 -15.28
N SER A 144 -10.02 14.75 -15.44
CA SER A 144 -10.88 15.66 -14.72
C SER A 144 -11.12 15.26 -13.29
N SER A 145 -11.02 16.15 -12.33
CA SER A 145 -11.40 15.83 -10.96
C SER A 145 -11.85 17.05 -10.18
N GLN A 146 -12.64 16.84 -9.17
CA GLN A 146 -12.95 17.80 -8.13
C GLN A 146 -12.15 17.40 -6.88
N PRO A 147 -11.94 18.32 -5.93
CA PRO A 147 -11.19 17.93 -4.73
C PRO A 147 -11.92 16.83 -3.96
N SER A 148 -11.18 15.87 -3.43
CA SER A 148 -11.80 14.97 -2.46
C SER A 148 -12.42 15.73 -1.30
N PRO A 149 -13.57 15.30 -0.81
CA PRO A 149 -14.04 15.74 0.49
C PRO A 149 -12.97 15.44 1.54
N PRO A 150 -13.01 16.21 2.62
CA PRO A 150 -12.13 15.94 3.77
C PRO A 150 -12.61 14.72 4.55
N SER A 151 -11.74 14.23 5.44
CA SER A 151 -12.12 13.25 6.42
C SER A 151 -12.46 11.88 5.86
N LEU A 152 -11.95 11.50 4.70
CA LEU A 152 -12.23 10.21 4.09
C LEU A 152 -11.07 9.24 4.23
N ILE A 153 -9.91 9.63 4.72
CA ILE A 153 -8.80 8.71 4.80
C ILE A 153 -8.69 8.17 6.23
N PRO A 154 -8.76 6.86 6.43
CA PRO A 154 -8.57 6.30 7.77
C PRO A 154 -7.25 6.73 8.43
N GLY A 155 -7.25 6.96 9.74
CA GLY A 155 -6.07 7.39 10.50
C GLY A 155 -5.64 6.31 11.50
N PRO A 156 -4.36 6.36 11.90
CA PRO A 156 -3.81 5.30 12.74
C PRO A 156 -4.32 5.30 14.18
N GLY A 157 -4.94 6.35 14.64
CA GLY A 157 -5.60 6.42 15.92
C GLY A 157 -7.08 6.09 15.84
N ASN A 158 -7.64 5.77 14.68
CA ASN A 158 -9.05 5.40 14.59
C ASN A 158 -9.33 4.01 15.16
N THR A 159 -10.50 3.78 15.72
CA THR A 159 -10.88 2.46 16.16
C THR A 159 -11.08 1.55 14.95
N VAL A 160 -11.03 0.23 15.19
CA VAL A 160 -11.34 -0.72 14.13
C VAL A 160 -12.74 -0.44 13.60
N THR A 161 -13.74 -0.19 14.45
CA THR A 161 -15.08 0.14 14.00
C THR A 161 -15.06 1.28 12.99
N ALA A 162 -14.35 2.37 13.32
CA ALA A 162 -14.28 3.53 12.40
C ALA A 162 -13.61 3.14 11.11
N ILE A 163 -12.51 2.41 11.15
CA ILE A 163 -11.77 2.03 9.94
C ILE A 163 -12.66 1.15 9.05
N LEU A 164 -13.29 0.16 9.68
CA LEU A 164 -14.12 -0.75 8.85
C LEU A 164 -15.31 0.03 8.31
N ASP A 165 -15.88 0.94 9.06
CA ASP A 165 -17.02 1.70 8.56
C ASP A 165 -16.60 2.55 7.36
N ARG A 166 -15.48 3.26 7.44
CA ARG A 166 -15.05 4.13 6.35
C ARG A 166 -14.71 3.29 5.13
N MET A 167 -13.89 2.27 5.31
CA MET A 167 -13.48 1.38 4.23
C MET A 167 -14.69 0.70 3.63
N GLY A 168 -15.63 0.32 4.49
CA GLY A 168 -16.85 -0.33 4.05
C GLY A 168 -17.70 0.58 3.19
N ASP A 169 -17.81 1.85 3.56
CA ASP A 169 -18.53 2.83 2.74
C ASP A 169 -17.88 2.91 1.35
N ALA A 170 -16.54 3.00 1.32
CA ALA A 170 -15.82 3.07 0.04
C ALA A 170 -16.10 1.84 -0.80
N GLY A 171 -16.35 0.70 -0.19
CA GLY A 171 -16.68 -0.53 -0.89
C GLY A 171 -15.96 -1.77 -0.40
N PHE A 172 -15.15 -1.72 0.62
CA PHE A 172 -14.33 -2.87 1.03
C PHE A 172 -14.90 -3.59 2.23
N SER A 173 -14.96 -4.89 2.10
CA SER A 173 -15.28 -5.75 3.25
C SER A 173 -14.13 -5.79 4.25
N PRO A 174 -14.35 -6.25 5.48
CA PRO A 174 -13.23 -6.39 6.43
C PRO A 174 -12.08 -7.22 5.89
N ASP A 175 -12.39 -8.33 5.20
CA ASP A 175 -11.29 -9.12 4.64
C ASP A 175 -10.46 -8.31 3.68
N GLU A 176 -11.09 -7.50 2.84
CA GLU A 176 -10.39 -6.69 1.88
C GLU A 176 -9.54 -5.61 2.50
N VAL A 177 -9.94 -5.10 3.67
CA VAL A 177 -9.13 -4.13 4.41
C VAL A 177 -7.82 -4.79 4.81
N VAL A 178 -7.92 -6.01 5.33
CA VAL A 178 -6.74 -6.78 5.70
C VAL A 178 -5.87 -7.04 4.47
N ASP A 179 -6.51 -7.38 3.37
CA ASP A 179 -5.76 -7.69 2.14
C ASP A 179 -5.02 -6.46 1.65
N LEU A 180 -5.63 -5.28 1.66
CA LEU A 180 -4.99 -4.06 1.21
C LEU A 180 -3.78 -3.73 2.07
N LEU A 181 -3.86 -4.04 3.36
CA LEU A 181 -2.78 -3.73 4.30
C LEU A 181 -1.54 -4.56 4.07
N ALA A 182 -1.52 -5.47 3.09
CA ALA A 182 -0.28 -6.10 2.69
C ALA A 182 0.74 -5.05 2.28
N ALA A 183 0.29 -3.88 1.82
CA ALA A 183 1.21 -2.79 1.49
C ALA A 183 2.09 -2.42 2.67
N HIS A 184 1.67 -2.64 3.91
CA HIS A 184 2.52 -2.34 5.07
C HIS A 184 3.67 -3.31 5.19
N SER A 185 3.76 -4.30 4.30
CA SER A 185 4.94 -5.12 4.12
C SER A 185 6.08 -4.35 3.45
N LEU A 186 5.80 -3.20 2.87
CA LEU A 186 6.77 -2.39 2.17
C LEU A 186 6.71 -0.98 2.77
N ALA A 187 7.06 -0.82 4.05
CA ALA A 187 6.59 0.36 4.74
C ALA A 187 7.43 0.81 5.91
N SER A 188 7.41 2.10 6.13
CA SER A 188 8.00 2.81 7.27
C SER A 188 7.10 3.97 7.68
N GLN A 189 7.49 4.62 8.79
CA GLN A 189 6.88 5.93 9.07
C GLN A 189 7.96 7.00 9.05
N GLU A 190 7.60 8.20 8.65
CA GLU A 190 8.38 9.40 8.81
C GLU A 190 7.70 10.46 9.65
N GLY A 191 6.37 10.46 9.73
CA GLY A 191 5.63 11.55 10.29
C GLY A 191 5.04 11.31 11.66
N LEU A 192 5.10 10.10 12.18
CA LEU A 192 4.49 9.77 13.45
C LEU A 192 5.46 9.95 14.61
N ASN A 193 6.73 9.62 14.40
CA ASN A 193 7.78 9.74 15.39
C ASN A 193 9.08 10.17 14.67
N SER A 194 9.42 11.44 14.87
CA SER A 194 10.49 12.20 14.28
C SER A 194 11.86 11.73 14.74
N ALA A 195 11.90 10.97 15.82
CA ALA A 195 13.23 10.57 16.31
C ALA A 195 13.70 9.28 15.65
N ILE A 196 12.81 8.54 14.98
CA ILE A 196 13.16 7.27 14.32
C ILE A 196 12.62 7.29 12.90
N PHE A 197 13.15 8.20 12.11
CA PHE A 197 12.76 8.42 10.72
C PHE A 197 12.92 7.16 9.90
N ARG A 198 11.91 6.74 9.16
CA ARG A 198 11.88 5.55 8.30
C ARG A 198 12.06 4.27 9.09
N SER A 199 11.64 4.26 10.35
CA SER A 199 11.55 3.00 11.08
C SER A 199 10.60 2.07 10.37
N PRO A 200 10.97 0.86 9.92
CA PRO A 200 10.04 0.00 9.18
C PRO A 200 8.90 -0.60 10.00
N LEU A 201 7.81 -0.92 9.30
CA LEU A 201 6.68 -1.62 9.90
C LEU A 201 6.86 -3.13 9.93
N ASP A 202 7.77 -3.67 9.13
CA ASP A 202 8.15 -5.09 9.19
C ASP A 202 9.65 -5.19 8.93
N SER A 203 10.21 -6.37 9.22
CA SER A 203 11.64 -6.54 9.17
C SER A 203 12.16 -6.54 7.71
N THR A 204 11.28 -6.57 6.72
CA THR A 204 11.69 -6.63 5.33
C THR A 204 10.98 -5.58 4.48
N PRO A 205 11.28 -4.31 4.71
CA PRO A 205 10.54 -3.24 3.98
C PRO A 205 10.86 -3.14 2.50
N GLN A 206 11.78 -3.97 2.02
CA GLN A 206 12.01 -4.07 0.59
C GLN A 206 11.65 -5.41 0.03
N VAL A 207 10.93 -6.25 0.77
CA VAL A 207 10.39 -7.50 0.27
C VAL A 207 8.89 -7.58 0.55
N PHE A 208 8.10 -7.83 -0.50
CA PHE A 208 6.66 -7.97 -0.42
C PHE A 208 6.33 -9.37 0.04
N ASP A 209 6.17 -9.55 1.34
CA ASP A 209 6.11 -10.85 2.02
C ASP A 209 5.16 -10.76 3.20
N THR A 210 4.97 -11.89 3.89
CA THR A 210 4.01 -11.94 4.99
C THR A 210 4.60 -11.45 6.33
N GLN A 211 5.82 -10.94 6.38
CA GLN A 211 6.43 -10.59 7.65
C GLN A 211 5.56 -9.60 8.43
N PHE A 212 4.97 -8.63 7.74
CA PHE A 212 4.12 -7.64 8.40
C PHE A 212 3.05 -8.30 9.25
N TYR A 213 2.37 -9.30 8.72
CA TYR A 213 1.29 -9.94 9.42
C TYR A 213 1.77 -10.74 10.61
N ILE A 214 2.92 -11.39 10.45
CA ILE A 214 3.52 -12.14 11.56
C ILE A 214 3.97 -11.21 12.69
N GLU A 215 4.69 -10.15 12.29
CA GLU A 215 5.38 -9.37 13.32
C GLU A 215 4.44 -8.45 14.10
N THR A 216 3.34 -8.04 13.47
CA THR A 216 2.37 -7.24 14.20
C THR A 216 1.65 -8.06 15.25
N LEU A 217 1.64 -9.39 15.12
CA LEU A 217 1.01 -10.26 16.11
C LEU A 217 1.92 -10.58 17.27
N LEU A 218 3.20 -10.21 17.22
CA LEU A 218 4.08 -10.56 18.33
C LEU A 218 3.77 -9.65 19.50
N LYS A 219 4.05 -10.11 20.71
CA LYS A 219 3.83 -9.29 21.90
C LYS A 219 4.57 -7.97 21.82
N GLY A 220 3.97 -6.81 22.11
CA GLY A 220 4.72 -5.56 22.04
C GLY A 220 5.55 -5.39 23.29
N THR A 221 6.86 -5.36 23.13
CA THR A 221 7.83 -5.31 24.19
C THR A 221 8.76 -4.09 24.19
N THR A 222 8.90 -3.48 23.04
CA THR A 222 10.00 -2.59 22.74
C THR A 222 9.53 -1.21 22.37
N GLN A 223 10.16 -0.20 22.94
CA GLN A 223 9.88 1.18 22.50
C GLN A 223 11.03 1.55 21.58
N PRO A 224 10.82 1.67 20.28
CA PRO A 224 11.97 1.91 19.39
C PRO A 224 12.58 3.30 19.49
N GLY A 225 11.88 4.33 19.92
CA GLY A 225 12.34 5.68 20.04
C GLY A 225 12.42 6.10 21.50
N PRO A 226 12.98 7.28 21.77
CA PRO A 226 13.10 7.79 23.15
C PRO A 226 11.76 8.20 23.73
N SER A 227 10.76 8.42 22.89
CA SER A 227 9.38 8.72 23.26
C SER A 227 8.45 8.17 22.18
N LEU A 228 7.15 8.30 22.46
CA LEU A 228 6.11 7.85 21.54
C LEU A 228 5.67 8.97 20.61
N GLY A 229 5.42 8.52 19.38
CA GLY A 229 4.81 9.45 18.43
C GLY A 229 3.32 9.26 18.42
N PHE A 230 2.69 9.93 17.44
CA PHE A 230 1.27 9.83 17.32
C PHE A 230 0.86 8.42 16.92
N ALA A 231 -0.07 7.81 17.66
CA ALA A 231 -0.69 6.51 17.38
C ALA A 231 0.33 5.38 17.38
N GLU A 232 1.38 5.58 18.17
CA GLU A 232 2.41 4.57 18.29
C GLU A 232 2.18 3.62 19.45
N GLU A 233 2.46 2.33 19.23
CA GLU A 233 2.33 1.27 20.21
C GLU A 233 3.66 0.57 20.37
N LEU A 234 3.84 -0.20 21.44
CA LEU A 234 5.07 -0.94 21.60
C LEU A 234 5.29 -1.94 20.47
N SER A 235 6.53 -2.16 20.03
CA SER A 235 6.81 -3.04 18.90
C SER A 235 7.52 -4.29 19.40
N PRO A 236 7.82 -5.28 18.55
CA PRO A 236 8.51 -6.46 19.07
C PRO A 236 10.03 -6.42 19.07
N PHE A 237 10.67 -5.42 18.49
CA PHE A 237 12.12 -5.36 18.59
C PHE A 237 12.60 -3.98 18.13
N PRO A 238 13.84 -3.63 18.50
CA PRO A 238 14.43 -2.33 18.19
C PRO A 238 14.35 -2.05 16.70
N GLY A 239 14.04 -0.80 16.37
CA GLY A 239 14.00 -0.37 14.99
C GLY A 239 12.68 -0.55 14.30
N GLU A 240 11.80 -1.42 14.76
CA GLU A 240 10.46 -1.61 14.21
C GLU A 240 9.45 -0.71 14.88
N PHE A 241 8.61 -0.08 14.09
CA PHE A 241 7.52 0.78 14.52
C PHE A 241 6.21 0.00 14.38
N ARG A 242 5.35 0.18 15.36
CA ARG A 242 4.00 -0.37 15.33
C ARG A 242 2.94 0.72 15.54
N MET A 243 2.04 0.87 14.56
CA MET A 243 0.98 1.86 14.69
C MET A 243 -0.23 1.17 15.30
N ARG A 244 -1.03 1.95 16.01
CA ARG A 244 -2.11 1.41 16.81
C ARG A 244 -3.16 0.72 15.94
N SER A 245 -3.50 1.30 14.81
CA SER A 245 -4.50 0.67 13.94
C SER A 245 -4.07 -0.73 13.51
N ASP A 246 -2.81 -0.95 13.14
CA ASP A 246 -2.32 -2.27 12.75
C ASP A 246 -2.37 -3.21 13.95
N ALA A 247 -1.94 -2.75 15.12
CA ALA A 247 -2.03 -3.59 16.29
C ALA A 247 -3.45 -4.06 16.60
N LEU A 248 -4.38 -3.15 16.48
CA LEU A 248 -5.76 -3.47 16.79
C LEU A 248 -6.35 -4.40 15.74
N LEU A 249 -6.07 -4.17 14.47
CA LEU A 249 -6.67 -4.93 13.39
C LEU A 249 -6.17 -6.36 13.44
N ALA A 250 -4.92 -6.54 13.85
CA ALA A 250 -4.32 -7.86 13.94
C ALA A 250 -5.08 -8.68 14.98
N ARG A 251 -5.63 -8.04 16.01
CA ARG A 251 -6.21 -8.67 17.15
C ARG A 251 -7.72 -8.65 17.24
N ASP A 252 -8.38 -7.82 16.46
CA ASP A 252 -9.80 -7.66 16.54
C ASP A 252 -10.52 -8.85 15.93
N SER A 253 -11.57 -9.33 16.61
CA SER A 253 -12.27 -10.50 16.14
C SER A 253 -12.80 -10.34 14.73
N ARG A 254 -12.98 -9.14 14.23
CA ARG A 254 -13.53 -8.95 12.88
C ARG A 254 -12.49 -9.11 11.79
N THR A 255 -11.22 -9.03 12.13
CA THR A 255 -10.15 -9.07 11.15
C THR A 255 -9.06 -10.08 11.46
N ALA A 256 -9.05 -10.67 12.65
CA ALA A 256 -7.92 -11.47 13.08
C ALA A 256 -7.78 -12.76 12.31
N CYS A 257 -8.85 -13.43 11.89
CA CYS A 257 -8.65 -14.70 11.20
C CYS A 257 -8.05 -14.45 9.82
N ARG A 258 -8.52 -13.47 9.04
CA ARG A 258 -7.88 -13.14 7.79
C ARG A 258 -6.43 -12.72 7.99
N TRP A 259 -6.17 -11.89 8.99
CA TRP A 259 -4.78 -11.48 9.29
C TRP A 259 -3.92 -12.71 9.51
N GLN A 260 -4.38 -13.66 10.30
CA GLN A 260 -3.62 -14.88 10.59
C GLN A 260 -3.40 -15.71 9.35
N SER A 261 -4.43 -15.77 8.50
CA SER A 261 -4.33 -16.57 7.28
C SER A 261 -3.33 -16.02 6.29
N MET A 262 -2.88 -14.79 6.44
CA MET A 262 -1.86 -14.22 5.58
C MET A 262 -0.47 -14.68 5.97
N THR A 263 -0.27 -15.14 7.18
CA THR A 263 1.08 -15.26 7.71
C THR A 263 1.96 -16.28 6.97
N SER A 264 1.41 -17.38 6.48
CA SER A 264 2.26 -18.48 5.98
C SER A 264 2.40 -18.57 4.48
N SER A 265 1.66 -17.80 3.70
CA SER A 265 1.68 -17.97 2.27
C SER A 265 1.82 -16.62 1.58
N ASN A 266 3.03 -16.34 1.08
CA ASN A 266 3.23 -15.19 0.22
C ASN A 266 2.38 -15.24 -1.05
N GLU A 267 2.18 -16.43 -1.56
CA GLU A 267 1.43 -16.58 -2.81
C GLU A 267 -0.04 -16.22 -2.63
N VAL A 268 -0.69 -16.66 -1.55
CA VAL A 268 -2.10 -16.29 -1.32
C VAL A 268 -2.17 -14.80 -0.99
N MET A 269 -1.23 -14.28 -0.19
CA MET A 269 -1.21 -12.86 0.12
C MET A 269 -1.16 -12.03 -1.16
N GLY A 270 -0.29 -12.40 -2.09
CA GLY A 270 -0.15 -11.62 -3.32
C GLY A 270 -1.43 -11.64 -4.14
N GLN A 271 -2.10 -12.78 -4.25
CA GLN A 271 -3.33 -12.88 -5.02
C GLN A 271 -4.39 -11.95 -4.42
N ARG A 272 -4.53 -12.05 -3.10
CA ARG A 272 -5.54 -11.25 -2.40
C ARG A 272 -5.25 -9.78 -2.56
N TYR A 273 -3.99 -9.38 -2.43
CA TYR A 273 -3.62 -7.97 -2.54
C TYR A 273 -3.90 -7.51 -3.98
N ARG A 274 -3.50 -8.33 -4.97
CA ARG A 274 -3.75 -7.93 -6.38
C ARG A 274 -5.22 -7.67 -6.62
N ALA A 275 -6.08 -8.51 -6.11
CA ALA A 275 -7.50 -8.43 -6.29
C ALA A 275 -8.08 -7.16 -5.63
N ALA A 276 -7.64 -6.89 -4.42
CA ALA A 276 -8.10 -5.73 -3.68
C ALA A 276 -7.61 -4.46 -4.31
N MET A 277 -6.38 -4.43 -4.80
CA MET A 277 -5.83 -3.24 -5.47
C MET A 277 -6.56 -2.97 -6.79
N ALA A 278 -6.91 -4.03 -7.50
CA ALA A 278 -7.72 -3.91 -8.72
C ALA A 278 -9.06 -3.25 -8.44
N LYS A 279 -9.70 -3.65 -7.35
CA LYS A 279 -10.96 -3.03 -6.95
C LYS A 279 -10.77 -1.59 -6.61
N MET A 280 -9.73 -1.26 -5.84
CA MET A 280 -9.49 0.10 -5.41
C MET A 280 -9.16 0.99 -6.58
N SER A 281 -8.49 0.48 -7.58
CA SER A 281 -8.04 1.21 -8.75
C SER A 281 -9.15 1.80 -9.58
N VAL A 282 -10.36 1.30 -9.42
CA VAL A 282 -11.45 1.80 -10.25
C VAL A 282 -12.58 2.35 -9.40
N LEU A 283 -12.33 2.68 -8.13
CA LEU A 283 -13.33 3.44 -7.41
C LEU A 283 -13.56 4.75 -8.19
N GLY A 284 -14.82 5.05 -8.53
CA GLY A 284 -15.23 6.19 -9.27
C GLY A 284 -15.31 5.96 -10.77
N PHE A 285 -15.04 4.72 -11.20
CA PHE A 285 -14.93 4.35 -12.60
C PHE A 285 -15.58 3.01 -12.95
N ASP A 286 -15.90 2.88 -14.23
CA ASP A 286 -16.32 1.59 -14.76
C ASP A 286 -15.13 0.88 -15.39
N ARG A 287 -14.62 -0.20 -14.78
CA ARG A 287 -13.45 -0.83 -15.40
C ARG A 287 -13.76 -1.30 -16.82
N ASN A 288 -15.02 -1.56 -17.16
CA ASN A 288 -15.31 -2.02 -18.52
C ASN A 288 -15.16 -0.88 -19.51
N ALA A 289 -15.02 0.37 -19.09
CA ALA A 289 -14.83 1.52 -19.96
C ALA A 289 -13.34 1.85 -20.13
N LEU A 290 -12.50 1.07 -19.46
CA LEU A 290 -11.06 1.28 -19.50
C LEU A 290 -10.38 0.26 -20.40
N THR A 291 -9.15 0.50 -20.78
CA THR A 291 -8.39 -0.42 -21.63
C THR A 291 -7.34 -1.12 -20.80
N ASP A 292 -7.23 -2.43 -20.91
CA ASP A 292 -6.28 -3.22 -20.15
C ASP A 292 -4.90 -3.16 -20.79
N CYS A 293 -3.97 -2.53 -20.09
CA CYS A 293 -2.58 -2.42 -20.48
C CYS A 293 -1.66 -3.09 -19.48
N SER A 294 -2.15 -4.15 -18.86
CA SER A 294 -1.40 -4.87 -17.85
C SER A 294 -0.11 -5.46 -18.40
N ASP A 295 -0.04 -5.67 -19.71
CA ASP A 295 1.14 -6.28 -20.32
C ASP A 295 2.35 -5.33 -20.31
N VAL A 296 2.14 -4.07 -19.98
CA VAL A 296 3.23 -3.11 -19.88
C VAL A 296 4.00 -3.38 -18.58
N ILE A 297 3.34 -4.00 -17.58
CA ILE A 297 3.88 -4.14 -16.25
C ILE A 297 4.65 -5.44 -16.23
N PRO A 298 5.91 -5.43 -15.93
CA PRO A 298 6.67 -6.68 -15.94
C PRO A 298 6.52 -7.39 -14.60
N SER A 299 7.01 -8.64 -14.60
CA SER A 299 7.03 -9.33 -13.31
C SER A 299 8.24 -8.84 -12.51
N ALA A 300 7.98 -8.88 -11.21
CA ALA A 300 8.98 -8.68 -10.19
C ALA A 300 9.88 -9.88 -10.06
N VAL A 301 11.09 -9.59 -9.63
CA VAL A 301 11.99 -10.68 -9.25
C VAL A 301 11.30 -11.47 -8.14
N SER A 302 11.38 -12.80 -8.18
CA SER A 302 10.80 -13.65 -7.18
C SER A 302 11.52 -13.55 -5.81
N ASN A 303 10.73 -13.74 -4.76
CA ASN A 303 11.24 -13.77 -3.40
C ASN A 303 11.36 -15.23 -3.00
N ASN A 304 12.58 -15.72 -2.73
CA ASN A 304 12.88 -17.11 -2.35
C ASN A 304 12.93 -17.35 -0.85
N ALA A 305 12.81 -16.30 -0.03
CA ALA A 305 12.85 -16.48 1.41
C ALA A 305 11.52 -16.93 2.04
N ALA A 306 11.60 -17.77 3.05
CA ALA A 306 10.49 -18.36 3.78
C ALA A 306 9.95 -17.43 4.84
N PRO A 307 8.67 -17.45 5.13
CA PRO A 307 8.19 -16.74 6.34
C PRO A 307 8.95 -17.20 7.57
N VAL A 308 9.19 -16.22 8.46
CA VAL A 308 9.89 -16.57 9.71
C VAL A 308 9.40 -15.73 10.87
N ILE A 309 9.45 -16.27 12.07
CA ILE A 309 9.37 -15.51 13.30
C ILE A 309 10.76 -15.00 13.62
N PRO A 310 11.08 -13.70 13.60
CA PRO A 310 12.43 -13.25 13.81
C PRO A 310 12.93 -13.36 15.25
N GLY A 311 14.25 -13.31 15.44
CA GLY A 311 14.92 -13.00 16.65
C GLY A 311 14.93 -13.97 17.80
N GLY A 312 14.64 -15.22 17.56
CA GLY A 312 14.53 -16.28 18.50
C GLY A 312 13.25 -16.23 19.30
N LEU A 313 12.33 -15.37 18.91
CA LEU A 313 10.94 -15.41 19.39
C LEU A 313 10.33 -16.70 18.87
N THR A 314 9.23 -17.10 19.51
CA THR A 314 8.54 -18.29 19.03
C THR A 314 7.05 -18.05 18.93
N VAL A 315 6.29 -19.10 18.62
CA VAL A 315 4.84 -18.95 18.60
C VAL A 315 4.29 -18.52 19.95
N ASP A 316 5.04 -18.73 21.02
CA ASP A 316 4.54 -18.33 22.32
C ASP A 316 4.51 -16.79 22.46
N ASP A 317 5.33 -16.12 21.64
CA ASP A 317 5.34 -14.66 21.58
C ASP A 317 4.29 -14.09 20.63
N ILE A 318 3.61 -15.01 19.91
CA ILE A 318 2.51 -14.60 19.06
C ILE A 318 1.27 -14.50 19.92
N GLU A 319 0.55 -13.38 19.84
CA GLU A 319 -0.77 -13.31 20.46
C GLU A 319 -1.83 -13.85 19.53
N VAL A 320 -2.01 -15.16 19.53
CA VAL A 320 -2.94 -15.77 18.57
C VAL A 320 -4.34 -15.24 18.79
N SER A 321 -4.95 -14.67 17.76
CA SER A 321 -6.18 -13.88 17.87
C SER A 321 -7.33 -14.42 17.03
N CYS A 322 -7.08 -15.47 16.26
CA CYS A 322 -8.15 -16.15 15.52
C CYS A 322 -8.53 -17.34 16.36
N PRO A 323 -9.69 -17.27 17.00
CA PRO A 323 -9.99 -18.26 18.02
C PRO A 323 -10.31 -19.65 17.46
N SER A 324 -10.53 -19.80 16.15
CA SER A 324 -10.91 -21.06 15.53
C SER A 324 -9.87 -21.78 14.70
N GLU A 325 -8.68 -21.22 14.49
CA GLU A 325 -7.66 -21.81 13.66
C GLU A 325 -6.33 -21.80 14.39
N PRO A 326 -5.62 -22.91 14.32
CA PRO A 326 -4.29 -22.91 14.95
C PRO A 326 -3.32 -22.00 14.20
N PHE A 327 -2.38 -21.40 14.91
CA PHE A 327 -1.38 -20.56 14.25
C PHE A 327 -0.53 -21.42 13.31
N PRO A 328 -0.28 -20.97 12.06
CA PRO A 328 0.50 -21.80 11.16
C PRO A 328 1.90 -22.08 11.68
N GLU A 329 2.41 -23.21 11.22
CA GLU A 329 3.77 -23.62 11.52
C GLU A 329 4.70 -22.72 10.70
N ILE A 330 5.28 -21.73 11.35
CA ILE A 330 6.24 -20.78 10.78
C ILE A 330 7.63 -21.00 11.36
N ALA A 331 8.67 -20.97 10.52
CA ALA A 331 10.01 -21.25 11.01
C ALA A 331 10.46 -20.19 11.99
N THR A 332 11.35 -20.55 12.92
CA THR A 332 11.88 -19.56 13.83
C THR A 332 13.35 -19.32 13.46
N ALA A 333 14.02 -18.49 14.24
CA ALA A 333 15.38 -18.10 13.90
C ALA A 333 16.24 -18.10 15.15
N SER A 334 17.49 -17.68 14.97
CA SER A 334 18.37 -17.54 16.12
C SER A 334 18.15 -16.21 16.80
N GLY A 335 18.39 -16.12 18.11
CA GLY A 335 18.45 -14.75 18.64
C GLY A 335 19.82 -14.22 18.18
N PRO A 336 20.15 -13.00 18.57
CA PRO A 336 19.34 -12.18 19.46
C PRO A 336 18.22 -11.46 18.70
N LEU A 337 17.40 -10.67 19.34
CA LEU A 337 16.41 -9.83 18.65
C LEU A 337 17.09 -9.02 17.56
N PRO A 338 16.52 -8.83 16.39
CA PRO A 338 17.15 -7.94 15.41
C PRO A 338 16.95 -6.48 15.81
N SER A 339 17.76 -5.64 15.14
CA SER A 339 17.53 -4.20 15.25
C SER A 339 17.35 -3.77 13.80
N LEU A 340 16.17 -3.26 13.45
CA LEU A 340 15.94 -2.85 12.08
C LEU A 340 16.62 -1.52 11.75
N ALA A 341 17.41 -1.56 10.67
CA ALA A 341 17.88 -0.35 10.04
C ALA A 341 16.72 0.45 9.47
N PRO A 342 16.86 1.76 9.34
CA PRO A 342 15.80 2.54 8.67
C PRO A 342 15.57 1.99 7.27
N ALA A 343 14.33 2.01 6.82
CA ALA A 343 14.03 1.61 5.45
C ALA A 343 14.75 2.55 4.50
N PRO A 344 15.30 2.07 3.39
CA PRO A 344 16.11 2.96 2.52
C PRO A 344 15.27 4.03 1.83
C1 NAG B . -4.69 17.24 -16.08
C2 NAG B . -3.84 17.79 -17.28
C3 NAG B . -2.75 18.68 -16.69
C4 NAG B . -3.35 19.74 -15.79
C5 NAG B . -4.37 19.19 -14.75
C6 NAG B . -5.08 20.30 -14.08
C7 NAG B . -3.69 16.32 -19.21
C8 NAG B . -3.02 15.16 -19.83
N2 NAG B . -3.26 16.65 -17.96
O3 NAG B . -2.00 19.27 -17.76
O4 NAG B . -2.32 20.29 -14.96
O5 NAG B . -5.33 18.35 -15.46
O6 NAG B . -5.87 21.09 -14.91
O6 NAG B . -5.91 19.85 -13.08
O7 NAG B . -4.51 16.93 -19.80
C1 NAG B . -1.88 21.58 -15.35
C2 NAG B . -0.90 21.95 -14.20
C3 NAG B . -0.18 23.28 -14.61
C4 NAG B . 0.43 23.12 -16.01
C5 NAG B . -0.69 22.67 -17.02
C6 NAG B . -0.23 22.57 -18.42
C7 NAG B . -1.73 21.32 -11.96
C8 NAG B . -2.59 21.67 -10.84
N2 NAG B . -1.70 22.23 -13.00
O3 NAG B . 0.88 23.43 -13.65
O4 NAG B . 0.91 24.39 -16.53
O5 NAG B . -1.14 21.37 -16.52
O6 NAG B . 0.79 21.57 -18.49
O7 NAG B . -1.12 20.33 -11.97
C1 MAN C . 19.20 -0.98 16.40
C2 MAN C . 18.41 0.19 16.83
C3 MAN C . 17.59 0.81 15.66
C4 MAN C . 18.55 1.08 14.51
C5 MAN C . 19.38 -0.12 14.13
C6 MAN C . 20.51 0.24 13.15
O2 MAN C . 19.32 1.24 17.28
O3 MAN C . 16.95 2.03 16.02
O4 MAN C . 17.86 1.49 13.34
O5 MAN C . 20.04 -0.70 15.26
O6 MAN C . 21.36 -0.80 12.71
CA CA D . -9.11 11.08 -5.53
CA CA E . 8.08 -7.01 4.05
C CYN F . -1.37 4.51 4.68
N CYN F . -1.91 5.50 4.43
CHA HEM G . 2.49 4.14 5.98
CHB HEM G . -1.83 4.37 8.24
CHC HEM G . -3.64 1.42 4.91
CHD HEM G . 0.35 1.94 2.30
C1A HEM G . 1.47 4.50 6.86
C2A HEM G . 1.59 5.50 7.92
C3A HEM G . 0.36 5.62 8.50
C4A HEM G . -0.53 4.70 7.82
CMA HEM G . -0.06 6.48 9.68
CAA HEM G . 2.81 6.31 8.27
CBA HEM G . 3.10 7.45 7.33
CGA HEM G . 4.28 8.27 7.79
O1A HEM G . 5.29 8.43 7.07
O2A HEM G . 4.23 8.73 8.94
C1B HEM G . -2.68 3.51 7.60
C2B HEM G . -4.04 3.22 8.00
C3B HEM G . -4.56 2.28 7.13
C4B HEM G . -3.50 2.07 6.13
CMB HEM G . -4.60 3.76 9.31
CAB HEM G . -5.88 1.79 7.21
CBB HEM G . -6.33 0.57 6.64
C1C HEM G . -2.79 1.40 3.83
C2C HEM G . -3.11 0.95 2.49
C3C HEM G . -1.98 1.15 1.70
C4C HEM G . -0.99 1.75 2.60
CMC HEM G . -4.47 0.44 2.08
CAC HEM G . -1.79 1.02 0.31
CBC HEM G . -2.31 -0.12 -0.46
C1D HEM G . 1.37 2.40 3.16
C2D HEM G . 2.79 2.43 2.87
C3D HEM G . 3.37 3.06 3.91
C4D HEM G . 2.33 3.42 4.81
CMD HEM G . 3.43 1.76 1.67
CAD HEM G . 4.85 3.34 4.08
CBD HEM G . 5.22 4.76 3.65
CGD HEM G . 6.72 5.04 3.81
O1D HEM G . 7.07 6.19 3.49
O2D HEM G . 7.50 4.09 4.05
NA HEM G . 0.17 4.00 6.82
NB HEM G . -2.37 2.82 6.45
NC HEM G . -1.47 1.88 3.90
ND HEM G . 1.10 2.97 4.39
FE HEM G . -0.63 2.86 5.37
#